data_4R1K
#
_entry.id   4R1K
#
_cell.length_a   105.646
_cell.length_b   59.318
_cell.length_c   58.411
_cell.angle_alpha   90.000
_cell.angle_beta   101.380
_cell.angle_gamma   90.000
#
_symmetry.space_group_name_H-M   'C 1 2 1'
#
loop_
_entity.id
_entity.type
_entity.pdbx_description
1 polymer 'Uncharacterized protein'
2 water water
#
_entity_poly.entity_id   1
_entity_poly.type   'polypeptide(L)'
_entity_poly.pdbx_seq_one_letter_code
;GDEGNIKENAVR(MSE)(MSE)ECIVNKDSEKLFDFYNKD(MSE)KDNYKDSSLDEIRQLFEYIDGAITSYNYEGKGGGQ
EAKNDGIICYYSCHPEFDFTTETGQEYTISFSYHYIWNEHPEYEGIN(MSE)IQICKDGNWGEKLIIGRNYYKE
;
_entity_poly.pdbx_strand_id   A,B
#
# COMPACT_ATOMS: atom_id res chain seq x y z
N GLY A 1 10.43 0.68 16.07
CA GLY A 1 11.52 -0.34 16.28
C GLY A 1 12.96 0.13 16.10
N ASP A 2 13.93 -0.67 16.56
CA ASP A 2 15.34 -0.31 16.47
C ASP A 2 16.18 -1.15 15.48
N GLU A 3 15.69 -1.39 14.26
CA GLU A 3 16.52 -1.84 13.13
C GLU A 3 16.13 -1.10 11.88
N GLY A 4 16.87 -1.37 10.81
CA GLY A 4 16.47 -0.88 9.50
C GLY A 4 15.02 -1.29 9.24
N ASN A 5 14.32 -0.48 8.42
CA ASN A 5 12.92 -0.77 8.10
C ASN A 5 12.78 -2.01 7.23
N ILE A 6 13.73 -2.17 6.35
CA ILE A 6 13.70 -3.32 5.49
C ILE A 6 13.81 -4.62 6.31
N LYS A 7 14.74 -4.67 7.27
CA LYS A 7 14.91 -5.84 8.13
C LYS A 7 13.72 -6.11 9.07
N GLU A 8 13.20 -5.08 9.72
CA GLU A 8 11.97 -5.23 10.54
C GLU A 8 10.82 -5.90 9.77
N ASN A 9 10.50 -5.35 8.59
CA ASN A 9 9.40 -5.90 7.78
C ASN A 9 9.69 -7.34 7.31
N ALA A 10 10.95 -7.57 6.90
CA ALA A 10 11.41 -8.88 6.44
C ALA A 10 11.31 -9.96 7.53
N VAL A 11 11.71 -9.62 8.74
CA VAL A 11 11.59 -10.50 9.90
C VAL A 11 10.13 -10.91 10.13
N ARG A 12 9.19 -9.98 9.96
CA ARG A 12 7.76 -10.35 10.10
C ARG A 12 7.21 -11.26 8.97
N MSE A 13 7.79 -11.17 7.77
CA MSE A 13 7.48 -12.11 6.66
C MSE A 13 7.98 -13.50 6.95
O MSE A 13 7.28 -14.48 6.67
CB MSE A 13 8.07 -11.67 5.30
CG MSE A 13 7.52 -10.36 4.76
SE MSE A 13 8.80 -9.47 3.47
CE MSE A 13 7.85 -7.75 3.58
N MSE A 14 9.21 -13.61 7.47
CA MSE A 14 9.81 -14.91 7.88
C MSE A 14 9.02 -15.55 9.00
O MSE A 14 8.88 -16.76 9.03
CB MSE A 14 11.30 -14.71 8.25
CG MSE A 14 12.08 -15.97 8.60
SE MSE A 14 12.46 -17.07 7.00
CE MSE A 14 11.59 -18.76 7.54
N GLU A 15 8.50 -14.74 9.92
CA GLU A 15 7.63 -15.24 11.00
C GLU A 15 6.32 -15.87 10.50
N CYS A 16 5.72 -15.28 9.47
CA CYS A 16 4.56 -15.89 8.79
C CYS A 16 4.85 -17.28 8.21
N ILE A 17 6.08 -17.51 7.77
CA ILE A 17 6.47 -18.79 7.19
C ILE A 17 6.74 -19.80 8.32
N VAL A 18 7.53 -19.39 9.30
CA VAL A 18 7.75 -20.19 10.51
C VAL A 18 6.40 -20.72 11.01
N ASN A 19 5.38 -19.85 10.99
CA ASN A 19 4.05 -20.18 11.50
C ASN A 19 3.08 -20.76 10.46
N LYS A 20 3.48 -20.66 9.18
CA LYS A 20 2.69 -21.14 8.03
C LYS A 20 1.34 -20.46 7.97
N ASP A 21 1.40 -19.15 7.82
CA ASP A 21 0.24 -18.30 7.88
C ASP A 21 0.19 -17.57 6.55
N SER A 22 -0.57 -18.10 5.61
CA SER A 22 -0.70 -17.51 4.28
C SER A 22 -1.66 -16.31 4.24
N GLU A 23 -2.58 -16.22 5.21
CA GLU A 23 -3.36 -14.99 5.41
C GLU A 23 -2.38 -13.82 5.62
N LYS A 24 -1.52 -13.98 6.61
CA LYS A 24 -0.66 -12.91 7.06
C LYS A 24 0.48 -12.64 6.08
N LEU A 25 1.09 -13.69 5.56
CA LEU A 25 2.10 -13.54 4.53
C LEU A 25 1.53 -12.80 3.32
N PHE A 26 0.30 -13.14 2.94
CA PHE A 26 -0.32 -12.54 1.76
C PHE A 26 -0.75 -11.10 1.98
N ASP A 27 -1.01 -10.74 3.23
CA ASP A 27 -1.42 -9.39 3.54
C ASP A 27 -0.27 -8.40 3.32
N PHE A 28 0.96 -8.93 3.12
CA PHE A 28 2.16 -8.15 2.73
C PHE A 28 2.24 -7.87 1.22
N TYR A 29 1.42 -8.56 0.43
CA TYR A 29 1.45 -8.43 -1.05
C TYR A 29 0.93 -7.08 -1.44
N ASN A 30 1.27 -6.65 -2.66
CA ASN A 30 0.87 -5.33 -3.11
C ASN A 30 -0.64 -5.29 -3.32
N LYS A 31 -1.18 -4.09 -3.45
CA LYS A 31 -2.62 -3.86 -3.59
C LYS A 31 -3.21 -4.45 -4.87
N ASP A 32 -2.51 -4.26 -5.98
CA ASP A 32 -2.97 -4.79 -7.25
C ASP A 32 -3.11 -6.31 -7.22
N MSE A 33 -2.29 -7.01 -6.44
CA MSE A 33 -2.36 -8.48 -6.38
C MSE A 33 -3.40 -9.00 -5.43
O MSE A 33 -3.94 -10.08 -5.68
CB MSE A 33 -1.00 -9.06 -6.00
CG MSE A 33 -0.22 -9.12 -7.29
SE MSE A 33 1.53 -9.96 -7.01
CE MSE A 33 0.95 -11.84 -6.99
N LYS A 34 -3.69 -8.27 -4.37
CA LYS A 34 -4.81 -8.60 -3.48
C LYS A 34 -6.16 -8.37 -4.16
N ASP A 35 -6.29 -7.28 -4.91
CA ASP A 35 -7.52 -6.96 -5.65
C ASP A 35 -7.76 -7.91 -6.81
N ASN A 36 -6.68 -8.19 -7.56
CA ASN A 36 -6.70 -8.82 -8.87
C ASN A 36 -6.33 -10.35 -8.89
N TYR A 37 -5.40 -10.77 -8.03
CA TYR A 37 -4.77 -12.11 -8.12
C TYR A 37 -4.75 -12.89 -6.80
N LYS A 38 -5.87 -12.84 -6.08
CA LYS A 38 -5.96 -13.40 -4.74
C LYS A 38 -5.88 -14.94 -4.77
N ASP A 39 -6.70 -15.57 -5.60
CA ASP A 39 -6.80 -17.04 -5.61
C ASP A 39 -5.51 -17.70 -6.13
N SER A 40 -4.95 -17.12 -7.19
CA SER A 40 -3.64 -17.52 -7.72
C SER A 40 -2.52 -17.48 -6.67
N SER A 41 -2.38 -16.34 -6.01
CA SER A 41 -1.28 -16.09 -5.07
C SER A 41 -1.38 -16.88 -3.76
N LEU A 42 -2.60 -17.01 -3.21
CA LEU A 42 -2.80 -17.85 -2.02
C LEU A 42 -2.54 -19.33 -2.30
N ASP A 43 -2.85 -19.80 -3.51
CA ASP A 43 -2.60 -21.20 -3.86
C ASP A 43 -1.12 -21.46 -4.16
N GLU A 44 -0.43 -20.43 -4.66
CA GLU A 44 1.01 -20.50 -4.87
C GLU A 44 1.78 -20.46 -3.54
N ILE A 45 1.29 -19.69 -2.56
CA ILE A 45 1.85 -19.70 -1.19
C ILE A 45 1.73 -21.08 -0.51
N ARG A 46 0.62 -21.81 -0.77
CA ARG A 46 0.42 -23.16 -0.21
C ARG A 46 1.50 -24.10 -0.72
N GLN A 47 1.80 -24.01 -2.02
CA GLN A 47 2.87 -24.82 -2.62
C GLN A 47 4.17 -24.47 -1.92
N LEU A 48 4.41 -23.18 -1.72
CA LEU A 48 5.63 -22.71 -1.07
C LEU A 48 5.77 -23.45 0.24
N PHE A 49 4.67 -23.58 0.97
CA PHE A 49 4.66 -24.27 2.27
C PHE A 49 4.86 -25.76 2.16
N GLU A 50 4.33 -26.38 1.11
CA GLU A 50 4.53 -27.83 0.86
C GLU A 50 5.97 -28.17 0.44
N TYR A 51 6.68 -27.17 -0.09
CA TYR A 51 8.11 -27.27 -0.45
C TYR A 51 9.08 -27.19 0.74
N ILE A 52 8.59 -26.77 1.90
CA ILE A 52 9.37 -26.70 3.14
C ILE A 52 9.07 -27.96 3.95
N ASP A 53 10.08 -28.82 4.11
CA ASP A 53 9.87 -30.09 4.85
C ASP A 53 10.04 -29.94 6.37
N GLY A 54 8.91 -30.03 7.09
CA GLY A 54 8.91 -29.96 8.54
C GLY A 54 8.96 -28.57 9.10
N ALA A 55 8.91 -28.47 10.43
CA ALA A 55 8.99 -27.18 11.15
C ALA A 55 10.37 -26.54 11.06
N ILE A 56 10.38 -25.20 11.03
CA ILE A 56 11.61 -24.40 11.00
C ILE A 56 12.18 -24.27 12.42
N THR A 57 13.31 -24.93 12.65
CA THR A 57 14.07 -24.86 13.91
C THR A 57 14.91 -23.56 14.05
N SER A 58 15.40 -22.97 12.96
CA SER A 58 16.19 -21.73 13.06
C SER A 58 16.22 -20.96 11.75
N TYR A 59 16.44 -19.64 11.83
CA TYR A 59 16.69 -18.83 10.65
C TYR A 59 17.67 -17.72 10.92
N ASN A 60 18.17 -17.10 9.85
CA ASN A 60 19.07 -15.98 10.00
C ASN A 60 19.00 -15.03 8.81
N TYR A 61 19.10 -13.75 9.11
CA TYR A 61 18.91 -12.73 8.11
C TYR A 61 20.20 -12.49 7.35
N GLU A 62 20.19 -12.84 6.07
CA GLU A 62 21.20 -12.34 5.10
C GLU A 62 20.71 -10.96 4.73
N GLY A 63 21.39 -10.25 3.86
CA GLY A 63 21.04 -8.83 3.68
C GLY A 63 19.72 -8.43 3.03
N LYS A 64 19.75 -7.21 2.54
CA LYS A 64 18.71 -6.58 1.73
C LYS A 64 18.59 -7.20 0.33
N GLY A 65 19.60 -7.98 -0.08
CA GLY A 65 19.72 -8.39 -1.48
C GLY A 65 20.05 -7.13 -2.25
N GLY A 66 19.68 -7.11 -3.53
CA GLY A 66 19.84 -5.92 -4.38
C GLY A 66 18.52 -5.31 -4.82
N GLY A 67 18.61 -4.17 -5.48
CA GLY A 67 17.42 -3.48 -5.95
C GLY A 67 17.81 -2.11 -6.43
N GLN A 68 16.83 -1.21 -6.60
CA GLN A 68 17.11 0.14 -7.10
C GLN A 68 16.51 1.17 -6.18
N GLU A 69 17.17 2.34 -6.08
CA GLU A 69 16.45 3.54 -5.66
C GLU A 69 16.52 4.62 -6.71
N ALA A 70 15.51 5.46 -6.62
CA ALA A 70 15.50 6.71 -7.32
C ALA A 70 15.08 7.76 -6.31
N LYS A 71 15.75 8.91 -6.39
CA LYS A 71 15.41 10.06 -5.56
C LYS A 71 15.21 11.29 -6.44
N ASN A 72 14.21 12.09 -6.11
CA ASN A 72 13.96 13.32 -6.85
C ASN A 72 13.83 14.53 -5.92
N ASP A 73 14.61 15.59 -6.18
CA ASP A 73 14.66 16.82 -5.34
C ASP A 73 14.74 16.54 -3.83
N GLY A 74 15.62 15.59 -3.47
CA GLY A 74 15.79 15.14 -2.09
C GLY A 74 14.87 14.05 -1.58
N ILE A 75 13.81 13.73 -2.34
CA ILE A 75 12.75 12.77 -1.89
C ILE A 75 12.78 11.48 -2.70
N ILE A 76 12.90 10.33 -1.99
CA ILE A 76 12.84 8.97 -2.59
C ILE A 76 11.46 8.74 -3.18
N CYS A 77 11.40 8.37 -4.45
CA CYS A 77 10.11 8.05 -5.08
C CYS A 77 10.05 6.60 -5.52
N TYR A 78 11.19 5.90 -5.52
CA TYR A 78 11.27 4.47 -5.84
C TYR A 78 12.36 3.80 -5.04
N TYR A 79 12.04 2.64 -4.48
CA TYR A 79 12.98 1.87 -3.66
C TYR A 79 12.57 0.40 -3.69
N SER A 80 13.39 -0.44 -4.36
CA SER A 80 13.19 -1.89 -4.45
C SER A 80 14.36 -2.64 -3.82
N CYS A 81 14.08 -3.80 -3.26
CA CYS A 81 15.12 -4.65 -2.69
C CYS A 81 14.58 -6.08 -2.63
N HIS A 82 15.41 -7.01 -2.14
CA HIS A 82 15.06 -8.44 -2.07
C HIS A 82 15.55 -9.07 -0.75
N PRO A 83 14.80 -8.82 0.36
CA PRO A 83 15.13 -9.39 1.70
C PRO A 83 15.33 -10.91 1.70
N GLU A 84 16.37 -11.39 2.38
CA GLU A 84 16.83 -12.76 2.25
C GLU A 84 17.21 -13.37 3.59
N PHE A 85 16.78 -14.61 3.77
CA PHE A 85 17.14 -15.40 4.94
C PHE A 85 17.68 -16.76 4.50
N ASP A 86 18.68 -17.28 5.22
CA ASP A 86 18.92 -18.71 5.21
C ASP A 86 18.11 -19.24 6.39
N PHE A 87 17.56 -20.45 6.26
CA PHE A 87 16.88 -21.12 7.39
C PHE A 87 16.97 -22.64 7.31
N THR A 88 16.70 -23.31 8.42
CA THR A 88 16.92 -24.76 8.58
C THR A 88 15.68 -25.39 9.22
N THR A 89 15.35 -26.61 8.81
CA THR A 89 14.16 -27.32 9.34
C THR A 89 14.52 -28.45 10.31
N GLU A 90 13.50 -29.07 10.91
CA GLU A 90 13.68 -30.21 11.82
C GLU A 90 14.36 -31.43 11.18
N THR A 91 14.23 -31.56 9.86
CA THR A 91 14.87 -32.66 9.12
C THR A 91 16.42 -32.50 8.99
N GLY A 92 16.91 -31.27 9.13
CA GLY A 92 18.30 -30.94 8.83
C GLY A 92 18.45 -30.13 7.54
N GLN A 93 17.36 -29.90 6.82
CA GLN A 93 17.42 -29.27 5.49
C GLN A 93 17.48 -27.76 5.57
N GLU A 94 18.54 -27.18 4.96
CA GLU A 94 18.71 -25.73 4.79
C GLU A 94 18.06 -25.20 3.51
N TYR A 95 17.31 -24.12 3.66
CA TYR A 95 16.68 -23.43 2.55
C TYR A 95 17.29 -22.04 2.48
N THR A 96 17.17 -21.41 1.32
CA THR A 96 17.39 -19.96 1.23
C THR A 96 16.15 -19.37 0.60
N ILE A 97 15.64 -18.27 1.19
CA ILE A 97 14.41 -17.57 0.73
C ILE A 97 14.69 -16.10 0.45
N SER A 98 14.15 -15.61 -0.68
CA SER A 98 14.32 -14.22 -1.10
C SER A 98 12.93 -13.64 -1.46
N PHE A 99 12.53 -12.56 -0.81
CA PHE A 99 11.24 -11.90 -1.14
C PHE A 99 11.45 -10.67 -2.01
N SER A 100 10.71 -10.52 -3.15
CA SER A 100 10.78 -9.27 -3.96
C SER A 100 9.95 -8.15 -3.33
N TYR A 101 10.58 -7.02 -3.03
CA TYR A 101 9.99 -6.04 -2.14
C TYR A 101 10.11 -4.63 -2.68
N HIS A 102 8.98 -4.11 -3.14
CA HIS A 102 8.88 -2.73 -3.65
C HIS A 102 8.42 -1.85 -2.51
N TYR A 103 9.41 -1.35 -1.75
CA TYR A 103 9.17 -0.74 -0.43
C TYR A 103 8.48 0.63 -0.55
N ILE A 104 8.91 1.41 -1.54
CA ILE A 104 8.34 2.72 -1.89
C ILE A 104 8.18 2.78 -3.43
N TRP A 105 7.02 3.24 -3.86
CA TRP A 105 6.76 3.48 -5.27
C TRP A 105 5.67 4.55 -5.34
N ASN A 106 6.06 5.81 -5.29
CA ASN A 106 5.10 6.92 -5.28
C ASN A 106 4.17 7.04 -6.51
N GLU A 107 4.70 6.83 -7.72
CA GLU A 107 3.88 6.85 -8.93
C GLU A 107 2.78 5.76 -8.85
N HIS A 108 3.11 4.63 -8.22
CA HIS A 108 2.26 3.45 -8.21
C HIS A 108 2.18 2.86 -6.80
N PRO A 109 1.43 3.50 -5.90
CA PRO A 109 1.33 2.98 -4.56
C PRO A 109 0.67 1.60 -4.44
N GLU A 110 -0.10 1.20 -5.45
CA GLU A 110 -0.75 -0.12 -5.50
C GLU A 110 0.21 -1.27 -5.81
N TYR A 111 1.44 -0.95 -6.20
CA TYR A 111 2.49 -1.95 -6.42
C TYR A 111 3.45 -2.10 -5.22
N GLU A 112 3.20 -1.36 -4.13
CA GLU A 112 4.09 -1.35 -2.95
C GLU A 112 3.89 -2.54 -2.02
N GLY A 113 4.99 -3.19 -1.67
CA GLY A 113 4.94 -4.43 -0.89
C GLY A 113 5.45 -5.58 -1.73
N ILE A 114 5.22 -6.80 -1.27
CA ILE A 114 5.69 -8.01 -1.93
C ILE A 114 4.92 -8.28 -3.24
N ASN A 115 5.67 -8.66 -4.28
CA ASN A 115 5.11 -9.13 -5.54
C ASN A 115 5.55 -10.57 -5.93
N MSE A 116 6.68 -11.01 -5.39
CA MSE A 116 7.32 -12.26 -5.82
C MSE A 116 8.09 -12.86 -4.65
O MSE A 116 8.72 -12.13 -3.86
CB MSE A 116 8.24 -11.91 -7.02
CG MSE A 116 8.87 -13.04 -7.83
SE MSE A 116 10.81 -13.23 -7.42
CE MSE A 116 11.20 -13.02 -5.50
N ILE A 117 8.07 -14.19 -4.55
CA ILE A 117 8.89 -14.93 -3.60
C ILE A 117 9.63 -16.06 -4.33
N GLN A 118 10.89 -16.24 -3.98
CA GLN A 118 11.74 -17.23 -4.58
C GLN A 118 12.39 -18.13 -3.51
N ILE A 119 12.56 -19.42 -3.79
CA ILE A 119 13.06 -20.34 -2.78
C ILE A 119 13.82 -21.53 -3.38
N CYS A 120 14.86 -21.97 -2.66
CA CYS A 120 15.73 -23.06 -3.10
C CYS A 120 16.38 -23.77 -1.92
N LYS A 121 17.11 -24.85 -2.23
CA LYS A 121 17.78 -25.64 -1.21
C LYS A 121 19.29 -25.50 -1.26
N ASP A 122 19.89 -25.28 -0.09
CA ASP A 122 21.34 -25.20 0.07
C ASP A 122 21.92 -24.11 -0.81
N GLY A 123 21.12 -23.08 -1.10
CA GLY A 123 21.55 -22.00 -1.97
C GLY A 123 21.65 -22.37 -3.43
N ASN A 124 20.97 -23.43 -3.85
CA ASN A 124 21.02 -23.88 -5.25
C ASN A 124 19.85 -23.32 -6.09
N TRP A 125 20.05 -22.09 -6.62
CA TRP A 125 19.08 -21.37 -7.50
C TRP A 125 18.90 -21.96 -8.90
N GLY A 126 19.71 -22.96 -9.25
CA GLY A 126 19.41 -23.79 -10.41
C GLY A 126 18.15 -24.64 -10.29
N GLU A 127 17.71 -24.94 -9.06
CA GLU A 127 16.42 -25.60 -8.82
C GLU A 127 15.65 -24.86 -7.76
N LYS A 128 14.97 -23.80 -8.17
CA LYS A 128 14.22 -22.95 -7.26
C LYS A 128 12.72 -23.04 -7.53
N LEU A 129 11.94 -22.64 -6.53
CA LEU A 129 10.50 -22.46 -6.69
C LEU A 129 10.24 -20.96 -6.67
N ILE A 130 9.70 -20.45 -7.78
CA ILE A 130 9.46 -19.02 -7.96
C ILE A 130 7.93 -18.75 -8.10
N ILE A 131 7.37 -17.98 -7.13
CA ILE A 131 5.92 -17.64 -7.08
C ILE A 131 5.73 -16.11 -7.15
N GLY A 132 4.51 -15.66 -7.43
CA GLY A 132 4.21 -14.25 -7.56
C GLY A 132 4.28 -13.78 -9.00
N ARG A 133 4.23 -12.46 -9.20
CA ARG A 133 4.22 -11.84 -10.54
C ARG A 133 5.25 -10.73 -10.58
N ASN A 134 5.76 -10.45 -11.79
CA ASN A 134 6.69 -9.33 -12.01
C ASN A 134 6.01 -7.95 -12.26
N TYR A 135 6.55 -6.92 -11.60
CA TYR A 135 6.15 -5.52 -11.78
C TYR A 135 7.38 -4.70 -12.20
N GLY B 1 -9.76 30.68 -7.54
CA GLY B 1 -10.92 29.86 -7.08
C GLY B 1 -10.54 28.40 -6.96
N ASP B 2 -9.80 27.91 -7.94
CA ASP B 2 -9.39 26.48 -7.99
C ASP B 2 -8.75 25.96 -6.69
N GLU B 3 -7.79 26.70 -6.11
CA GLU B 3 -7.19 26.28 -4.84
C GLU B 3 -8.21 26.36 -3.71
N GLY B 4 -8.91 27.51 -3.57
CA GLY B 4 -10.04 27.62 -2.63
C GLY B 4 -11.14 26.55 -2.83
N ASN B 5 -11.39 26.19 -4.08
CA ASN B 5 -12.34 25.12 -4.36
C ASN B 5 -11.79 23.77 -3.95
N ILE B 6 -10.48 23.57 -4.13
CA ILE B 6 -9.81 22.31 -3.70
C ILE B 6 -9.99 22.13 -2.21
N LYS B 7 -9.76 23.19 -1.46
CA LYS B 7 -9.93 23.14 -0.01
C LYS B 7 -11.41 22.93 0.43
N GLU B 8 -12.35 23.66 -0.17
CA GLU B 8 -13.78 23.46 0.13
C GLU B 8 -14.14 22.00 -0.06
N ASN B 9 -13.79 21.42 -1.20
CA ASN B 9 -14.14 20.00 -1.48
C ASN B 9 -13.47 19.04 -0.51
N ALA B 10 -12.19 19.30 -0.23
CA ALA B 10 -11.44 18.51 0.74
C ALA B 10 -12.04 18.55 2.15
N VAL B 11 -12.41 19.75 2.61
CA VAL B 11 -13.09 19.94 3.91
C VAL B 11 -14.39 19.12 4.02
N ARG B 12 -15.18 19.06 2.94
CA ARG B 12 -16.36 18.20 2.94
C ARG B 12 -16.04 16.67 2.99
N MSE B 13 -14.89 16.26 2.43
CA MSE B 13 -14.42 14.85 2.52
C MSE B 13 -14.05 14.51 3.96
O MSE B 13 -14.39 13.43 4.44
CB MSE B 13 -13.21 14.52 1.65
CG MSE B 13 -13.52 14.60 0.16
SE MSE B 13 -11.89 14.88 -0.89
CE MSE B 13 -12.81 15.48 -2.53
N MSE B 14 -13.34 15.42 4.62
CA MSE B 14 -12.99 15.28 6.05
C MSE B 14 -14.21 15.25 6.95
O MSE B 14 -14.21 14.53 7.94
CB MSE B 14 -12.00 16.40 6.44
CG MSE B 14 -11.43 16.30 7.87
SE MSE B 14 -10.06 14.86 8.06
CE MSE B 14 -10.96 13.85 9.51
N GLU B 15 -15.24 16.03 6.62
CA GLU B 15 -16.52 16.00 7.38
C GLU B 15 -17.25 14.66 7.30
N CYS B 16 -17.21 14.01 6.15
CA CYS B 16 -17.70 12.64 5.98
C CYS B 16 -17.01 11.64 6.92
N ILE B 17 -15.72 11.85 7.17
CA ILE B 17 -14.94 10.98 8.06
C ILE B 17 -15.26 11.27 9.53
N VAL B 18 -15.26 12.55 9.90
CA VAL B 18 -15.70 13.00 11.23
C VAL B 18 -17.08 12.38 11.58
N ASN B 19 -17.99 12.34 10.60
CA ASN B 19 -19.32 11.76 10.78
C ASN B 19 -19.44 10.26 10.47
N LYS B 20 -18.40 9.69 9.85
CA LYS B 20 -18.33 8.26 9.47
C LYS B 20 -19.45 7.91 8.50
N ASP B 21 -19.43 8.60 7.37
CA ASP B 21 -20.49 8.55 6.39
C ASP B 21 -19.86 8.08 5.09
N SER B 22 -19.94 6.77 4.84
CA SER B 22 -19.33 6.15 3.65
C SER B 22 -20.18 6.32 2.35
N GLU B 23 -21.48 6.57 2.49
CA GLU B 23 -22.31 7.00 1.34
C GLU B 23 -21.68 8.26 0.76
N LYS B 24 -21.58 9.27 1.63
CA LYS B 24 -21.26 10.61 1.22
C LYS B 24 -19.77 10.68 0.85
N LEU B 25 -18.89 10.05 1.63
CA LEU B 25 -17.47 9.96 1.23
C LEU B 25 -17.30 9.28 -0.14
N PHE B 26 -18.07 8.22 -0.39
CA PHE B 26 -17.96 7.49 -1.65
C PHE B 26 -18.57 8.22 -2.85
N ASP B 27 -19.52 9.10 -2.61
CA ASP B 27 -20.12 9.83 -3.70
C ASP B 27 -19.12 10.80 -4.31
N PHE B 28 -17.97 11.00 -3.63
CA PHE B 28 -16.84 11.79 -4.13
C PHE B 28 -15.96 11.03 -5.10
N TYR B 29 -16.12 9.70 -5.15
CA TYR B 29 -15.28 8.84 -5.98
C TYR B 29 -15.60 9.06 -7.44
N ASN B 30 -14.64 8.73 -8.31
CA ASN B 30 -14.83 8.98 -9.72
C ASN B 30 -15.96 8.08 -10.25
N LYS B 31 -16.44 8.38 -11.46
CA LYS B 31 -17.55 7.66 -12.09
C LYS B 31 -17.24 6.19 -12.39
N ASP B 32 -16.03 5.94 -12.92
CA ASP B 32 -15.59 4.57 -13.24
C ASP B 32 -15.56 3.64 -12.00
N MSE B 33 -15.31 4.19 -10.82
CA MSE B 33 -15.31 3.39 -9.58
C MSE B 33 -16.65 3.17 -8.96
O MSE B 33 -16.87 2.14 -8.32
CB MSE B 33 -14.38 4.03 -8.56
CG MSE B 33 -13.02 3.55 -8.96
SE MSE B 33 -11.72 4.16 -7.67
CE MSE B 33 -12.02 2.83 -6.25
N LYS B 34 -17.57 4.11 -9.12
CA LYS B 34 -18.96 3.95 -8.68
C LYS B 34 -19.69 2.91 -9.56
N ASP B 35 -19.46 2.97 -10.87
CA ASP B 35 -20.09 2.04 -11.80
C ASP B 35 -19.55 0.62 -11.63
N ASN B 36 -18.22 0.51 -11.50
CA ASN B 36 -17.52 -0.79 -11.58
C ASN B 36 -17.04 -1.39 -10.25
N TYR B 37 -16.69 -0.55 -9.28
CA TYR B 37 -16.00 -1.00 -8.06
C TYR B 37 -16.69 -0.57 -6.74
N LYS B 38 -18.01 -0.63 -6.71
CA LYS B 38 -18.80 -0.10 -5.60
C LYS B 38 -18.63 -0.93 -4.32
N ASP B 39 -18.77 -2.24 -4.43
CA ASP B 39 -18.73 -3.11 -3.24
C ASP B 39 -17.32 -3.15 -2.64
N SER B 40 -16.30 -3.26 -3.49
CA SER B 40 -14.90 -3.16 -3.08
C SER B 40 -14.57 -1.90 -2.31
N SER B 41 -14.93 -0.75 -2.89
CA SER B 41 -14.57 0.55 -2.35
C SER B 41 -15.33 0.92 -1.05
N LEU B 42 -16.63 0.62 -0.99
CA LEU B 42 -17.40 0.82 0.25
C LEU B 42 -16.91 -0.08 1.39
N ASP B 43 -16.45 -1.29 1.09
CA ASP B 43 -15.90 -2.19 2.14
C ASP B 43 -14.51 -1.74 2.59
N GLU B 44 -13.76 -1.13 1.69
CA GLU B 44 -12.44 -0.57 2.02
C GLU B 44 -12.57 0.70 2.85
N ILE B 45 -13.61 1.50 2.58
CA ILE B 45 -13.92 2.68 3.39
C ILE B 45 -14.30 2.30 4.84
N ARG B 46 -14.96 1.15 5.03
CA ARG B 46 -15.30 0.64 6.37
C ARG B 46 -14.05 0.33 7.20
N GLN B 47 -13.07 -0.32 6.56
CA GLN B 47 -11.79 -0.63 7.21
C GLN B 47 -11.14 0.70 7.60
N LEU B 48 -11.18 1.68 6.70
CA LEU B 48 -10.61 3.01 6.97
C LEU B 48 -11.15 3.52 8.27
N PHE B 49 -12.46 3.37 8.46
CA PHE B 49 -13.13 3.84 9.67
C PHE B 49 -12.76 3.05 10.92
N GLU B 50 -12.55 1.74 10.78
CA GLU B 50 -12.14 0.90 11.91
C GLU B 50 -10.69 1.18 12.35
N TYR B 51 -9.89 1.73 11.43
CA TYR B 51 -8.49 2.14 11.69
C TYR B 51 -8.34 3.48 12.45
N ILE B 52 -9.45 4.22 12.55
CA ILE B 52 -9.52 5.47 13.29
C ILE B 52 -10.11 5.13 14.68
N ASP B 53 -9.31 5.30 15.73
CA ASP B 53 -9.77 4.96 17.10
C ASP B 53 -10.51 6.14 17.76
N GLY B 54 -11.81 5.97 17.92
CA GLY B 54 -12.64 6.97 18.60
C GLY B 54 -13.00 8.17 17.74
N ALA B 55 -13.81 9.05 18.31
CA ALA B 55 -14.30 10.26 17.62
C ALA B 55 -13.19 11.26 17.40
N ILE B 56 -13.27 11.95 16.26
CA ILE B 56 -12.34 12.99 15.87
C ILE B 56 -12.69 14.29 16.61
N THR B 57 -11.83 14.67 17.55
CA THR B 57 -11.97 15.91 18.33
C THR B 57 -11.53 17.17 17.55
N SER B 58 -10.56 17.06 16.64
CA SER B 58 -10.11 18.23 15.85
C SER B 58 -9.42 17.80 14.57
N TYR B 59 -9.37 18.69 13.58
CA TYR B 59 -8.55 18.46 12.39
C TYR B 59 -7.97 19.74 11.88
N ASN B 60 -7.05 19.62 10.94
CA ASN B 60 -6.48 20.80 10.36
C ASN B 60 -5.98 20.53 8.96
N TYR B 61 -6.20 21.50 8.08
CA TYR B 61 -5.90 21.33 6.67
C TYR B 61 -4.45 21.66 6.42
N GLU B 62 -3.69 20.63 6.07
CA GLU B 62 -2.37 20.82 5.46
C GLU B 62 -2.71 21.13 4.00
N GLY B 63 -1.73 21.36 3.16
CA GLY B 63 -2.07 21.87 1.82
C GLY B 63 -2.78 20.98 0.82
N LYS B 64 -2.59 21.37 -0.44
CA LYS B 64 -3.02 20.60 -1.62
C LYS B 64 -2.18 19.30 -1.82
N GLY B 65 -1.05 19.16 -1.12
CA GLY B 65 -0.14 18.08 -1.43
C GLY B 65 0.44 18.43 -2.79
N GLY B 66 0.92 17.41 -3.51
CA GLY B 66 1.47 17.58 -4.85
C GLY B 66 0.58 16.99 -5.93
N GLY B 67 0.93 17.24 -7.18
CA GLY B 67 0.16 16.75 -8.31
C GLY B 67 0.65 17.39 -9.57
N GLN B 68 -0.15 17.29 -10.63
CA GLN B 68 0.23 17.84 -11.91
C GLN B 68 -0.89 18.77 -12.43
N GLU B 69 -0.49 19.85 -13.11
CA GLU B 69 -1.44 20.82 -13.62
C GLU B 69 -1.04 21.19 -15.08
N ALA B 70 -1.92 20.87 -16.03
CA ALA B 70 -1.63 21.08 -17.43
C ALA B 70 -2.65 22.06 -17.94
N LYS B 71 -2.18 23.04 -18.71
CA LYS B 71 -3.04 24.09 -19.25
C LYS B 71 -2.81 24.26 -20.76
N ASN B 72 -3.91 24.45 -21.50
CA ASN B 72 -3.85 24.62 -22.95
C ASN B 72 -4.69 25.80 -23.43
N ASP B 73 -4.09 26.71 -24.20
CA ASP B 73 -4.77 27.93 -24.74
C ASP B 73 -5.64 28.66 -23.69
N GLY B 74 -5.07 28.86 -22.51
CA GLY B 74 -5.76 29.55 -21.41
C GLY B 74 -6.67 28.66 -20.56
N ILE B 75 -6.80 27.39 -20.93
CA ILE B 75 -7.77 26.46 -20.34
C ILE B 75 -7.10 25.21 -19.74
N ILE B 76 -7.34 24.99 -18.45
CA ILE B 76 -6.85 23.80 -17.75
C ILE B 76 -7.54 22.55 -18.31
N CYS B 77 -6.78 21.53 -18.68
CA CYS B 77 -7.36 20.25 -19.09
C CYS B 77 -7.02 19.08 -18.18
N TYR B 78 -6.06 19.29 -17.27
CA TYR B 78 -5.67 18.28 -16.25
C TYR B 78 -5.17 18.98 -14.97
N TYR B 79 -5.63 18.49 -13.82
CA TYR B 79 -5.29 19.07 -12.55
C TYR B 79 -5.45 17.98 -11.50
N SER B 80 -4.34 17.47 -11.00
CA SER B 80 -4.35 16.45 -9.93
C SER B 80 -3.69 17.04 -8.71
N CYS B 81 -4.11 16.57 -7.56
CA CYS B 81 -3.52 16.97 -6.31
C CYS B 81 -3.83 15.91 -5.25
N HIS B 82 -3.35 16.14 -4.03
CA HIS B 82 -3.52 15.20 -2.90
C HIS B 82 -3.85 15.94 -1.57
N PRO B 83 -5.13 16.37 -1.40
CA PRO B 83 -5.57 17.11 -0.20
C PRO B 83 -5.27 16.35 1.09
N GLU B 84 -4.77 17.07 2.09
CA GLU B 84 -4.17 16.42 3.25
C GLU B 84 -4.60 17.14 4.51
N PHE B 85 -4.96 16.34 5.51
CA PHE B 85 -5.28 16.85 6.84
C PHE B 85 -4.48 16.10 7.87
N ASP B 86 -4.02 16.79 8.90
CA ASP B 86 -3.65 16.14 10.13
C ASP B 86 -4.92 16.19 10.95
N PHE B 87 -5.17 15.16 11.76
CA PHE B 87 -6.31 15.18 12.69
C PHE B 87 -6.04 14.35 13.96
N THR B 88 -6.85 14.58 15.00
CA THR B 88 -6.64 14.01 16.32
C THR B 88 -7.95 13.43 16.82
N THR B 89 -7.88 12.32 17.57
CA THR B 89 -9.07 11.65 18.12
C THR B 89 -9.21 11.85 19.62
N GLU B 90 -10.33 11.37 20.17
CA GLU B 90 -10.60 11.44 21.60
C GLU B 90 -9.56 10.67 22.46
N THR B 91 -8.90 9.68 21.88
CA THR B 91 -7.85 8.93 22.59
C THR B 91 -6.53 9.74 22.76
N GLY B 92 -6.32 10.75 21.93
CA GLY B 92 -5.06 11.49 21.88
C GLY B 92 -4.26 11.20 20.61
N GLN B 93 -4.75 10.27 19.81
CA GLN B 93 -4.03 9.77 18.66
C GLN B 93 -4.17 10.70 17.46
N GLU B 94 -3.03 11.16 16.93
CA GLU B 94 -2.97 11.91 15.67
C GLU B 94 -2.82 11.02 14.43
N TYR B 95 -3.64 11.30 13.43
CA TYR B 95 -3.55 10.64 12.17
C TYR B 95 -3.10 11.66 11.15
N THR B 96 -2.62 11.19 10.00
CA THR B 96 -2.52 12.04 8.82
C THR B 96 -3.24 11.32 7.68
N ILE B 97 -4.05 12.06 6.91
CA ILE B 97 -4.83 11.49 5.80
C ILE B 97 -4.53 12.27 4.52
N SER B 98 -4.36 11.53 3.41
CA SER B 98 -4.11 12.12 2.07
C SER B 98 -5.08 11.51 1.03
N PHE B 99 -5.92 12.33 0.38
CA PHE B 99 -6.89 11.82 -0.61
C PHE B 99 -6.32 12.04 -2.02
N SER B 100 -6.30 11.03 -2.88
CA SER B 100 -5.87 11.23 -4.29
C SER B 100 -7.02 11.83 -5.11
N TYR B 101 -6.77 13.01 -5.71
CA TYR B 101 -7.87 13.85 -6.22
C TYR B 101 -7.54 14.33 -7.62
N HIS B 102 -8.26 13.75 -8.57
CA HIS B 102 -8.22 14.19 -9.97
C HIS B 102 -9.35 15.23 -10.20
N TYR B 103 -9.01 16.49 -9.93
CA TYR B 103 -9.99 17.58 -9.84
C TYR B 103 -10.60 17.95 -11.19
N ILE B 104 -9.76 17.99 -12.21
CA ILE B 104 -10.17 18.17 -13.60
C ILE B 104 -9.42 17.13 -14.46
N TRP B 105 -10.14 16.49 -15.37
CA TRP B 105 -9.53 15.60 -16.36
C TRP B 105 -10.44 15.60 -17.60
N ASN B 106 -10.23 16.56 -18.52
CA ASN B 106 -11.10 16.70 -19.71
C ASN B 106 -11.19 15.48 -20.68
N GLU B 107 -10.05 14.83 -20.94
CA GLU B 107 -10.03 13.62 -21.78
C GLU B 107 -10.90 12.53 -21.16
N HIS B 108 -10.91 12.44 -19.84
CA HIS B 108 -11.55 11.34 -19.12
C HIS B 108 -12.38 11.87 -17.95
N PRO B 109 -13.56 12.42 -18.23
CA PRO B 109 -14.39 12.96 -17.14
C PRO B 109 -14.89 11.92 -16.13
N GLU B 110 -14.90 10.64 -16.52
CA GLU B 110 -15.28 9.51 -15.63
C GLU B 110 -14.20 9.13 -14.58
N TYR B 111 -13.01 9.71 -14.71
CA TYR B 111 -11.94 9.55 -13.73
C TYR B 111 -11.79 10.76 -12.76
N GLU B 112 -12.67 11.75 -12.88
CA GLU B 112 -12.60 12.96 -12.06
C GLU B 112 -13.21 12.76 -10.67
N GLY B 113 -12.46 13.18 -9.67
CA GLY B 113 -12.84 12.98 -8.28
C GLY B 113 -11.85 12.05 -7.61
N ILE B 114 -12.21 11.56 -6.43
CA ILE B 114 -11.33 10.68 -5.63
C ILE B 114 -11.20 9.29 -6.25
N ASN B 115 -9.98 8.77 -6.24
CA ASN B 115 -9.69 7.39 -6.65
C ASN B 115 -8.99 6.57 -5.53
N MSE B 116 -8.30 7.25 -4.61
CA MSE B 116 -7.41 6.60 -3.66
C MSE B 116 -7.33 7.41 -2.39
O MSE B 116 -7.36 8.66 -2.42
CB MSE B 116 -6.04 6.43 -4.34
CG MSE B 116 -5.36 5.12 -3.89
SE MSE B 116 -3.67 4.66 -4.81
CE MSE B 116 -4.09 2.72 -4.77
N ILE B 117 -7.32 6.71 -1.24
CA ILE B 117 -7.12 7.33 0.08
C ILE B 117 -5.99 6.59 0.80
N GLN B 118 -5.11 7.36 1.43
CA GLN B 118 -3.97 6.81 2.17
C GLN B 118 -3.96 7.36 3.61
N ILE B 119 -3.58 6.53 4.58
CA ILE B 119 -3.70 6.94 5.99
C ILE B 119 -2.67 6.28 6.90
N CYS B 120 -2.20 7.06 7.89
CA CYS B 120 -1.15 6.63 8.82
C CYS B 120 -1.25 7.34 10.16
N LYS B 121 -0.37 6.99 11.08
CA LYS B 121 -0.32 7.61 12.40
C LYS B 121 0.93 8.49 12.57
N ASP B 122 0.73 9.69 13.11
CA ASP B 122 1.81 10.62 13.47
C ASP B 122 2.71 10.93 12.24
N GLY B 123 2.15 10.85 11.04
CA GLY B 123 2.92 11.05 9.83
C GLY B 123 3.90 9.93 9.50
N ASN B 124 3.66 8.74 10.02
CA ASN B 124 4.53 7.59 9.76
C ASN B 124 3.99 6.71 8.61
N TRP B 125 4.36 7.09 7.38
CA TRP B 125 3.98 6.36 6.13
C TRP B 125 4.66 4.97 5.95
N GLY B 126 5.61 4.62 6.83
CA GLY B 126 6.09 3.24 6.95
C GLY B 126 5.07 2.19 7.45
N GLU B 127 4.02 2.64 8.15
CA GLU B 127 2.88 1.77 8.52
C GLU B 127 1.57 2.48 8.18
N LYS B 128 1.14 2.37 6.91
CA LYS B 128 -0.07 3.05 6.40
C LYS B 128 -1.15 2.06 5.96
N LEU B 129 -2.38 2.56 5.88
CA LEU B 129 -3.46 1.85 5.24
C LEU B 129 -3.81 2.56 3.93
N ILE B 130 -3.70 1.82 2.82
CA ILE B 130 -4.03 2.31 1.47
C ILE B 130 -5.36 1.72 1.03
N ILE B 131 -6.26 2.57 0.51
CA ILE B 131 -7.46 2.09 -0.17
C ILE B 131 -7.65 2.78 -1.51
N GLY B 132 -8.52 2.21 -2.34
CA GLY B 132 -8.82 2.77 -3.66
C GLY B 132 -8.02 2.13 -4.78
N ARG B 133 -8.09 2.72 -5.98
CA ARG B 133 -7.43 2.19 -7.16
C ARG B 133 -6.73 3.34 -7.94
N ASN B 134 -5.75 2.99 -8.78
CA ASN B 134 -4.96 3.98 -9.54
C ASN B 134 -5.43 4.26 -11.00
N TYR B 135 -5.56 5.55 -11.33
CA TYR B 135 -5.97 6.00 -12.68
C TYR B 135 -4.92 6.96 -13.25
N TYR B 136 -4.47 6.76 -14.48
CA TYR B 136 -3.48 7.69 -15.01
C TYR B 136 -3.35 7.69 -16.52
#